data_8UK7
#
_entry.id   8UK7
#
_cell.length_a   37.160
_cell.length_b   43.163
_cell.length_c   186.981
_cell.angle_alpha   90.000
_cell.angle_beta   90.000
_cell.angle_gamma   90.000
#
_symmetry.space_group_name_H-M   'P 21 21 21'
#
loop_
_entity.id
_entity.type
_entity.pdbx_description
1 polymer 'Sensor histidine kinase CpxA'
2 water water
#
_entity_poly.entity_id   1
_entity_poly.type   'polypeptide(L)'
_entity_poly.pdbx_seq_one_letter_code
;GPLGSDSRQMTELLDSEQRQGLMIEQHVEAELANDPPNDLMWWRRLFRAIDKWAPPGQRLLLVTTEGRVIGAERSEMQII
RNFIGQADNADHPQKKKYGRVELVGPFSVRDGEDNYQLYLIRPASSSQSDFINLLFDR
;
_entity_poly.pdbx_strand_id   A,B
#
# COMPACT_ATOMS: atom_id res chain seq x y z
N MET A 10 12.66 11.01 15.31
CA MET A 10 11.34 11.13 14.69
C MET A 10 11.52 11.77 13.33
N THR A 11 10.89 11.22 12.29
CA THR A 11 11.15 11.67 10.93
C THR A 11 9.88 11.98 10.17
N GLU A 12 9.97 12.94 9.25
CA GLU A 12 8.84 13.27 8.40
C GLU A 12 8.56 12.14 7.43
N LEU A 13 7.28 11.93 7.13
CA LEU A 13 6.91 10.95 6.12
C LEU A 13 7.17 11.45 4.71
N LEU A 14 7.52 10.53 3.82
CA LEU A 14 7.54 10.80 2.39
C LEU A 14 6.10 10.93 1.88
N ASP A 15 5.93 11.65 0.75
CA ASP A 15 4.56 11.76 0.22
C ASP A 15 3.95 10.36 0.05
N SER A 16 4.75 9.39 -0.43
CA SER A 16 4.23 8.05 -0.62
C SER A 16 3.74 7.42 0.69
N GLU A 17 4.41 7.71 1.81
CA GLU A 17 4.03 7.12 3.08
C GLU A 17 2.76 7.77 3.60
N GLN A 18 2.63 9.10 3.43
CA GLN A 18 1.38 9.76 3.78
C GLN A 18 0.21 9.21 2.96
N ARG A 19 0.42 9.03 1.64
N ARG A 19 0.39 9.06 1.64
CA ARG A 19 -0.66 8.55 0.78
CA ARG A 19 -0.68 8.52 0.80
C ARG A 19 -1.02 7.11 1.08
C ARG A 19 -1.06 7.13 1.25
N GLN A 20 -0.05 6.30 1.53
CA GLN A 20 -0.37 4.94 1.94
C GLN A 20 -1.19 4.91 3.22
N GLY A 21 -0.79 5.69 4.22
CA GLY A 21 -1.55 5.77 5.45
C GLY A 21 -2.99 6.23 5.24
N LEU A 22 -3.18 7.29 4.44
CA LEU A 22 -4.55 7.77 4.19
C LEU A 22 -5.36 6.69 3.52
N MET A 23 -4.75 5.99 2.58
CA MET A 23 -5.42 4.95 1.86
C MET A 23 -5.81 3.81 2.77
N ILE A 24 -4.91 3.43 3.65
CA ILE A 24 -5.20 2.32 4.56
C ILE A 24 -6.30 2.72 5.57
N GLU A 25 -6.21 3.93 6.14
CA GLU A 25 -7.20 4.41 7.07
C GLU A 25 -8.58 4.41 6.43
N GLN A 26 -8.67 4.81 5.16
CA GLN A 26 -9.95 4.79 4.44
C GLN A 26 -10.48 3.37 4.28
N HIS A 27 -9.58 2.42 3.99
CA HIS A 27 -10.07 1.04 3.83
C HIS A 27 -10.48 0.48 5.18
N VAL A 28 -9.74 0.78 6.24
CA VAL A 28 -10.14 0.26 7.56
C VAL A 28 -11.45 0.86 7.97
N GLU A 29 -11.64 2.17 7.73
CA GLU A 29 -12.90 2.84 8.08
C GLU A 29 -14.06 2.23 7.32
N ALA A 30 -13.87 1.96 6.04
CA ALA A 30 -14.95 1.41 5.23
C ALA A 30 -15.29 0.01 5.66
N GLU A 31 -14.25 -0.79 5.94
CA GLU A 31 -14.45 -2.16 6.45
C GLU A 31 -15.33 -2.14 7.70
N LEU A 32 -14.99 -1.27 8.65
CA LEU A 32 -15.75 -1.24 9.89
C LEU A 32 -17.16 -0.73 9.68
N ALA A 33 -17.33 0.22 8.74
CA ALA A 33 -18.67 0.73 8.48
C ALA A 33 -19.59 -0.35 7.92
N ASN A 34 -19.04 -1.35 7.24
CA ASN A 34 -19.82 -2.40 6.62
C ASN A 34 -19.88 -3.67 7.47
N ASP A 35 -19.25 -3.67 8.62
CA ASP A 35 -19.17 -4.85 9.47
C ASP A 35 -20.01 -4.59 10.71
N PRO A 36 -21.16 -5.23 10.90
CA PRO A 36 -22.01 -4.87 12.03
C PRO A 36 -21.30 -5.11 13.35
N PRO A 37 -21.51 -4.23 14.33
CA PRO A 37 -20.85 -4.47 15.63
C PRO A 37 -21.63 -5.43 16.52
N ASN A 38 -21.71 -6.70 16.11
CA ASN A 38 -22.46 -7.71 16.86
C ASN A 38 -21.57 -8.83 17.41
N ASP A 39 -20.27 -8.57 17.56
N ASP A 39 -20.27 -8.55 17.57
CA ASP A 39 -19.33 -9.55 18.08
CA ASP A 39 -19.39 -9.55 18.16
C ASP A 39 -19.40 -9.62 19.61
C ASP A 39 -19.56 -9.63 19.65
N LEU A 40 -19.40 -10.84 20.16
CA LEU A 40 -19.33 -10.99 21.59
C LEU A 40 -18.05 -10.35 22.10
N MET A 41 -17.00 -10.44 21.33
CA MET A 41 -15.70 -9.82 21.64
C MET A 41 -15.55 -8.67 20.67
N TRP A 42 -15.93 -7.47 21.12
CA TRP A 42 -15.97 -6.32 20.22
C TRP A 42 -14.64 -6.06 19.54
N TRP A 43 -13.52 -6.37 20.20
CA TRP A 43 -12.20 -6.08 19.63
C TRP A 43 -11.86 -6.97 18.45
N ARG A 44 -12.56 -8.08 18.31
CA ARG A 44 -12.22 -8.99 17.22
C ARG A 44 -12.63 -8.37 15.89
N ARG A 45 -13.74 -7.64 15.89
CA ARG A 45 -14.16 -6.89 14.72
C ARG A 45 -13.07 -5.92 14.30
N LEU A 46 -12.44 -5.26 15.26
CA LEU A 46 -11.38 -4.34 14.93
C LEU A 46 -10.18 -5.08 14.36
N PHE A 47 -9.81 -6.19 15.01
CA PHE A 47 -8.68 -6.99 14.51
C PHE A 47 -8.97 -7.53 13.10
N ARG A 48 -10.21 -7.89 12.79
CA ARG A 48 -10.46 -8.37 11.43
C ARG A 48 -10.12 -7.28 10.40
N ALA A 49 -10.50 -6.04 10.72
CA ALA A 49 -10.28 -4.95 9.76
C ALA A 49 -8.80 -4.64 9.61
N ILE A 50 -8.04 -4.62 10.69
CA ILE A 50 -6.64 -4.26 10.54
C ILE A 50 -5.78 -5.41 10.09
N ASP A 51 -6.19 -6.65 10.35
CA ASP A 51 -5.47 -7.78 9.77
C ASP A 51 -5.60 -7.77 8.24
N LYS A 52 -6.81 -7.46 7.75
CA LYS A 52 -7.11 -7.57 6.33
C LYS A 52 -6.42 -6.47 5.52
N TRP A 53 -6.26 -5.28 6.07
CA TRP A 53 -5.82 -4.16 5.25
C TRP A 53 -4.38 -3.77 5.51
N ALA A 54 -3.67 -4.55 6.31
CA ALA A 54 -2.25 -4.32 6.49
C ALA A 54 -1.51 -4.54 5.17
N PRO A 55 -0.59 -3.68 4.80
CA PRO A 55 0.18 -3.93 3.56
C PRO A 55 1.08 -5.15 3.74
N PRO A 56 1.47 -5.80 2.64
CA PRO A 56 2.28 -7.02 2.74
C PRO A 56 3.48 -6.82 3.66
N GLY A 57 3.73 -7.82 4.49
CA GLY A 57 4.90 -7.75 5.35
C GLY A 57 4.81 -6.79 6.51
N GLN A 58 3.66 -6.16 6.71
CA GLN A 58 3.51 -5.14 7.74
C GLN A 58 2.30 -5.48 8.60
N ARG A 59 2.17 -4.75 9.71
N ARG A 59 2.17 -4.74 9.70
CA ARG A 59 0.98 -4.88 10.54
CA ARG A 59 1.01 -4.85 10.57
C ARG A 59 0.48 -3.50 10.95
C ARG A 59 0.46 -3.47 10.88
N LEU A 60 -0.80 -3.46 11.31
CA LEU A 60 -1.46 -2.24 11.75
C LEU A 60 -1.80 -2.40 13.24
N LEU A 61 -1.78 -1.30 13.94
CA LEU A 61 -2.16 -1.16 15.34
C LEU A 61 -3.25 -0.14 15.48
N LEU A 62 -4.20 -0.37 16.39
CA LEU A 62 -5.17 0.64 16.73
C LEU A 62 -4.99 1.01 18.19
N VAL A 63 -5.11 2.31 18.50
CA VAL A 63 -5.05 2.84 19.86
C VAL A 63 -6.39 3.52 20.16
N THR A 64 -6.98 3.18 21.31
CA THR A 64 -8.26 3.76 21.69
C THR A 64 -8.04 5.12 22.31
N THR A 65 -9.14 5.88 22.45
CA THR A 65 -9.00 7.18 23.11
C THR A 65 -8.59 6.99 24.57
N GLU A 66 -8.83 5.83 25.15
CA GLU A 66 -8.44 5.52 26.52
C GLU A 66 -7.00 5.01 26.64
N GLY A 67 -6.27 4.91 25.53
CA GLY A 67 -4.86 4.57 25.60
C GLY A 67 -4.57 3.10 25.54
N ARG A 68 -5.52 2.30 25.08
CA ARG A 68 -5.34 0.86 24.94
C ARG A 68 -4.95 0.53 23.50
N VAL A 69 -4.03 -0.42 23.35
CA VAL A 69 -3.48 -0.79 22.03
C VAL A 69 -4.08 -2.12 21.59
N ILE A 70 -4.64 -2.15 20.37
CA ILE A 70 -5.17 -3.34 19.76
C ILE A 70 -4.21 -3.75 18.65
N GLY A 71 -3.79 -5.01 18.66
CA GLY A 71 -2.99 -5.55 17.59
C GLY A 71 -1.53 -5.71 17.89
N ALA A 72 -1.09 -5.38 19.10
CA ALA A 72 0.32 -5.38 19.43
C ALA A 72 0.70 -6.68 20.13
N GLU A 73 1.96 -7.05 19.97
CA GLU A 73 2.57 -8.09 20.78
C GLU A 73 3.16 -7.51 22.05
N ARG A 74 3.30 -8.35 23.08
CA ARG A 74 3.88 -7.89 24.34
C ARG A 74 5.26 -7.31 24.11
N SER A 75 6.06 -7.95 23.25
CA SER A 75 7.40 -7.49 22.94
C SER A 75 7.44 -6.08 22.38
N GLU A 76 6.34 -5.61 21.81
CA GLU A 76 6.31 -4.32 21.13
C GLU A 76 5.84 -3.17 22.00
N MET A 77 5.22 -3.44 23.15
CA MET A 77 4.61 -2.36 23.93
C MET A 77 5.64 -1.29 24.31
N GLN A 78 6.89 -1.66 24.57
CA GLN A 78 7.88 -0.66 24.96
C GLN A 78 8.12 0.35 23.84
N ILE A 79 8.32 -0.12 22.61
CA ILE A 79 8.63 0.83 21.54
C ILE A 79 7.37 1.58 21.14
N ILE A 80 6.21 0.90 21.16
CA ILE A 80 4.95 1.56 20.85
C ILE A 80 4.72 2.69 21.84
N ARG A 81 4.98 2.41 23.11
CA ARG A 81 4.86 3.41 24.16
C ARG A 81 5.82 4.57 23.90
N ASN A 82 7.07 4.25 23.60
CA ASN A 82 8.04 5.31 23.33
C ASN A 82 7.64 6.17 22.13
N PHE A 83 7.20 5.54 21.05
CA PHE A 83 6.82 6.27 19.85
C PHE A 83 5.66 7.21 20.10
N ILE A 84 4.53 6.68 20.59
CA ILE A 84 3.34 7.50 20.82
C ILE A 84 3.61 8.59 21.85
N GLY A 85 4.49 8.34 22.81
CA GLY A 85 4.83 9.38 23.75
C GLY A 85 5.41 10.60 23.07
N GLN A 86 6.03 10.43 21.90
CA GLN A 86 6.56 11.53 21.11
C GLN A 86 5.64 11.98 19.98
N ALA A 87 4.81 11.08 19.44
CA ALA A 87 3.98 11.39 18.28
C ALA A 87 3.14 12.64 18.49
N ASP A 88 2.76 13.28 17.37
CA ASP A 88 1.83 14.41 17.39
C ASP A 88 0.43 13.92 16.97
N ASN A 89 -0.45 14.86 16.62
CA ASN A 89 -1.77 14.53 16.12
C ASN A 89 -1.68 13.84 14.77
N ALA A 90 -2.84 13.39 14.28
CA ALA A 90 -2.94 12.94 12.91
C ALA A 90 -2.70 14.06 11.91
N ASP A 91 -2.64 15.32 12.38
CA ASP A 91 -2.24 16.43 11.53
C ASP A 91 -0.77 16.36 11.15
N HIS A 92 0.02 15.55 11.84
CA HIS A 92 1.45 15.45 11.56
C HIS A 92 1.96 14.06 11.92
N PRO A 93 1.62 13.07 11.10
CA PRO A 93 2.19 11.74 11.28
C PRO A 93 3.68 11.72 11.01
N GLN A 94 4.36 10.75 11.61
CA GLN A 94 5.81 10.66 11.58
C GLN A 94 6.22 9.19 11.61
N LYS A 95 7.53 8.97 11.54
CA LYS A 95 8.07 7.62 11.55
C LYS A 95 9.33 7.58 12.39
N LYS A 96 9.60 6.41 12.95
CA LYS A 96 10.81 6.23 13.75
C LYS A 96 11.21 4.77 13.66
N LYS A 97 12.51 4.55 13.48
CA LYS A 97 13.08 3.21 13.43
C LYS A 97 13.46 2.74 14.83
N TYR A 98 13.13 1.49 15.12
CA TYR A 98 13.51 0.85 16.37
C TYR A 98 14.23 -0.43 16.01
N GLY A 99 15.52 -0.30 15.67
CA GLY A 99 16.28 -1.46 15.24
C GLY A 99 15.72 -2.05 13.98
N ARG A 100 15.19 -3.28 14.06
CA ARG A 100 14.71 -3.97 12.87
C ARG A 100 13.27 -3.62 12.50
N VAL A 101 12.58 -2.79 13.29
CA VAL A 101 11.22 -2.39 12.95
C VAL A 101 11.13 -0.87 12.92
N GLU A 102 10.04 -0.40 12.33
CA GLU A 102 9.77 1.03 12.19
C GLU A 102 8.29 1.26 12.45
N LEU A 103 7.98 2.30 13.21
N LEU A 103 8.00 2.29 13.23
CA LEU A 103 6.61 2.67 13.48
CA LEU A 103 6.62 2.68 13.50
C LEU A 103 6.26 3.93 12.70
C LEU A 103 6.27 3.92 12.68
N VAL A 104 5.04 3.96 12.17
CA VAL A 104 4.56 5.04 11.33
C VAL A 104 3.17 5.44 11.80
N GLY A 105 2.98 6.73 12.05
CA GLY A 105 1.67 7.28 12.34
C GLY A 105 1.74 8.49 13.23
N PRO A 106 0.59 8.93 13.78
CA PRO A 106 -0.71 8.26 13.59
C PRO A 106 -1.53 8.67 12.38
N PHE A 107 -2.34 7.74 11.92
CA PHE A 107 -3.49 7.96 11.06
C PHE A 107 -4.76 7.82 11.90
N SER A 108 -5.90 7.97 11.25
CA SER A 108 -7.14 8.22 11.98
C SER A 108 -8.20 7.31 11.43
N VAL A 109 -8.94 6.64 12.34
CA VAL A 109 -10.00 5.72 11.95
C VAL A 109 -11.22 6.02 12.81
N ARG A 110 -12.32 6.39 12.16
CA ARG A 110 -13.61 6.61 12.80
C ARG A 110 -14.42 5.34 12.71
N ASP A 111 -15.14 5.03 13.79
CA ASP A 111 -16.00 3.86 13.83
C ASP A 111 -17.20 4.30 14.68
N GLY A 112 -18.20 4.86 14.02
CA GLY A 112 -19.34 5.41 14.74
C GLY A 112 -18.90 6.57 15.61
N GLU A 113 -19.17 6.48 16.91
CA GLU A 113 -18.76 7.51 17.85
C GLU A 113 -17.34 7.28 18.37
N ASP A 114 -16.80 6.07 18.20
CA ASP A 114 -15.46 5.79 18.64
C ASP A 114 -14.45 6.23 17.60
N ASN A 115 -13.32 6.70 18.07
CA ASN A 115 -12.22 7.09 17.20
C ASN A 115 -10.97 6.41 17.69
N TYR A 116 -10.15 6.00 16.73
CA TYR A 116 -8.91 5.30 16.99
C TYR A 116 -7.79 6.03 16.27
N GLN A 117 -6.61 5.89 16.81
CA GLN A 117 -5.40 6.18 16.03
C GLN A 117 -4.88 4.90 15.44
N LEU A 118 -4.44 4.98 14.18
CA LEU A 118 -3.90 3.85 13.45
C LEU A 118 -2.40 4.06 13.26
N TYR A 119 -1.65 3.00 13.48
CA TYR A 119 -0.21 3.01 13.27
C TYR A 119 0.13 1.84 12.40
N LEU A 120 1.21 2.02 11.63
CA LEU A 120 1.80 0.89 10.93
C LEU A 120 3.09 0.48 11.61
N ILE A 121 3.33 -0.83 11.67
CA ILE A 121 4.61 -1.35 12.11
C ILE A 121 5.16 -2.21 10.96
N ARG A 122 6.42 -1.98 10.60
CA ARG A 122 6.96 -2.53 9.36
C ARG A 122 8.45 -2.79 9.56
N PRO A 123 9.04 -3.65 8.77
CA PRO A 123 10.50 -3.83 8.83
C PRO A 123 11.17 -2.53 8.48
N ALA A 124 12.25 -2.23 9.19
CA ALA A 124 12.95 -0.96 9.01
C ALA A 124 13.79 -0.96 7.72
N SER A 125 13.81 0.19 7.05
CA SER A 125 14.65 0.37 5.86
C SER A 125 15.09 1.82 5.72
N GLN B 9 10.85 -19.53 -11.90
CA GLN B 9 9.41 -19.85 -12.07
C GLN B 9 8.54 -18.76 -11.43
N MET B 10 7.22 -18.89 -11.63
CA MET B 10 6.22 -17.91 -11.22
C MET B 10 5.58 -18.27 -9.88
N THR B 11 5.35 -17.26 -9.05
CA THR B 11 4.86 -17.49 -7.70
C THR B 11 3.54 -16.77 -7.46
N GLU B 12 2.68 -17.41 -6.68
CA GLU B 12 1.39 -16.80 -6.34
C GLU B 12 1.53 -15.65 -5.36
N LEU B 13 0.67 -14.65 -5.53
CA LEU B 13 0.63 -13.53 -4.59
C LEU B 13 -0.08 -13.93 -3.30
N LEU B 14 0.39 -13.38 -2.20
CA LEU B 14 -0.36 -13.43 -0.95
C LEU B 14 -1.60 -12.55 -1.08
N ASP B 15 -2.60 -12.83 -0.26
CA ASP B 15 -3.80 -11.99 -0.26
C ASP B 15 -3.45 -10.53 -0.07
N SER B 16 -2.53 -10.25 0.86
CA SER B 16 -2.15 -8.86 1.12
C SER B 16 -1.56 -8.21 -0.14
N GLU B 17 -0.80 -8.99 -0.93
CA GLU B 17 -0.16 -8.44 -2.12
C GLU B 17 -1.19 -8.19 -3.20
N GLN B 18 -2.16 -9.08 -3.33
CA GLN B 18 -3.28 -8.87 -4.24
C GLN B 18 -4.05 -7.60 -3.85
N ARG B 19 -4.45 -7.48 -2.58
CA ARG B 19 -5.21 -6.30 -2.13
C ARG B 19 -4.42 -5.02 -2.39
N GLN B 20 -3.13 -5.05 -2.11
CA GLN B 20 -2.33 -3.84 -2.37
C GLN B 20 -2.36 -3.47 -3.84
N GLY B 21 -2.12 -4.43 -4.74
CA GLY B 21 -2.14 -4.14 -6.17
C GLY B 21 -3.47 -3.57 -6.63
N LEU B 22 -4.57 -4.15 -6.17
CA LEU B 22 -5.87 -3.64 -6.57
C LEU B 22 -6.11 -2.23 -6.06
N MET B 23 -5.70 -1.96 -4.82
CA MET B 23 -5.86 -0.61 -4.25
C MET B 23 -5.07 0.40 -5.08
N ILE B 24 -3.86 0.02 -5.46
CA ILE B 24 -3.04 0.93 -6.27
C ILE B 24 -3.63 1.09 -7.67
N GLU B 25 -4.08 0.02 -8.29
CA GLU B 25 -4.71 0.11 -9.59
C GLU B 25 -5.88 1.09 -9.56
N GLN B 26 -6.67 1.06 -8.50
CA GLN B 26 -7.81 1.94 -8.37
C GLN B 26 -7.38 3.38 -8.25
N HIS B 27 -6.30 3.64 -7.51
CA HIS B 27 -5.88 5.03 -7.33
C HIS B 27 -5.28 5.55 -8.63
N VAL B 28 -4.51 4.72 -9.35
CA VAL B 28 -3.97 5.17 -10.64
C VAL B 28 -5.10 5.43 -11.63
N GLU B 29 -6.13 4.56 -11.63
CA GLU B 29 -7.27 4.80 -12.50
C GLU B 29 -7.95 6.13 -12.15
N ALA B 30 -8.10 6.40 -10.87
CA ALA B 30 -8.79 7.63 -10.46
C ALA B 30 -7.98 8.87 -10.85
N GLU B 31 -6.66 8.79 -10.66
CA GLU B 31 -5.75 9.86 -11.08
C GLU B 31 -5.92 10.12 -12.56
N LEU B 32 -5.88 9.07 -13.40
CA LEU B 32 -6.02 9.33 -14.83
C LEU B 32 -7.40 9.86 -15.21
N ALA B 33 -8.46 9.41 -14.52
CA ALA B 33 -9.79 9.88 -14.87
C ALA B 33 -9.93 11.38 -14.62
N ASN B 34 -9.12 11.93 -13.71
CA ASN B 34 -9.19 13.31 -13.30
C ASN B 34 -8.14 14.18 -13.99
N ASP B 35 -7.30 13.57 -14.81
CA ASP B 35 -6.23 14.27 -15.51
C ASP B 35 -6.54 14.21 -17.00
N PRO B 36 -6.90 15.30 -17.67
CA PRO B 36 -7.36 15.18 -19.05
C PRO B 36 -6.27 14.62 -19.92
N PRO B 37 -6.59 13.80 -20.93
CA PRO B 37 -5.55 13.22 -21.80
C PRO B 37 -5.17 14.17 -22.95
N ASN B 38 -4.62 15.34 -22.57
CA ASN B 38 -4.22 16.36 -23.53
C ASN B 38 -2.76 16.74 -23.38
N ASP B 39 -1.94 15.82 -22.85
CA ASP B 39 -0.53 16.09 -22.70
C ASP B 39 0.12 15.94 -24.07
N LEU B 40 0.95 16.90 -24.46
CA LEU B 40 1.74 16.75 -25.68
C LEU B 40 2.53 15.46 -25.66
N MET B 41 2.96 15.06 -24.49
CA MET B 41 3.75 13.80 -24.31
C MET B 41 2.87 12.85 -23.52
N TRP B 42 2.11 12.04 -24.24
CA TRP B 42 1.19 11.15 -23.57
C TRP B 42 1.83 10.33 -22.47
N TRP B 43 3.11 9.95 -22.66
CA TRP B 43 3.76 9.09 -21.69
C TRP B 43 4.14 9.78 -20.41
N ARG B 44 4.21 11.13 -20.44
CA ARG B 44 4.50 11.90 -19.24
C ARG B 44 3.31 11.93 -18.30
N ARG B 45 2.11 12.14 -18.84
CA ARG B 45 0.91 12.09 -18.02
C ARG B 45 0.80 10.73 -17.31
N LEU B 46 1.09 9.66 -18.03
CA LEU B 46 1.00 8.32 -17.42
C LEU B 46 2.04 8.13 -16.32
N PHE B 47 3.27 8.53 -16.59
CA PHE B 47 4.31 8.39 -15.57
C PHE B 47 3.97 9.18 -14.30
N ARG B 48 3.46 10.39 -14.45
CA ARG B 48 3.15 11.17 -13.25
C ARG B 48 2.12 10.45 -12.41
N ALA B 49 1.15 9.77 -13.04
CA ALA B 49 0.15 9.09 -12.22
C ALA B 49 0.78 7.92 -11.47
N ILE B 50 1.70 7.19 -12.12
CA ILE B 50 2.26 6.03 -11.41
C ILE B 50 3.40 6.44 -10.50
N ASP B 51 4.04 7.59 -10.75
CA ASP B 51 5.02 8.09 -9.79
C ASP B 51 4.33 8.50 -8.50
N LYS B 52 3.16 9.13 -8.59
CA LYS B 52 2.46 9.62 -7.43
C LYS B 52 1.92 8.49 -6.56
N TRP B 53 1.51 7.36 -7.16
CA TRP B 53 0.78 6.36 -6.39
C TRP B 53 1.58 5.10 -6.12
N ALA B 54 2.85 5.08 -6.48
CA ALA B 54 3.68 3.92 -6.11
C ALA B 54 3.78 3.83 -4.61
N PRO B 55 3.60 2.66 -4.02
CA PRO B 55 3.74 2.51 -2.56
C PRO B 55 5.18 2.72 -2.11
N PRO B 56 5.37 3.09 -0.85
CA PRO B 56 6.72 3.29 -0.32
C PRO B 56 7.61 2.11 -0.67
N GLY B 57 8.84 2.40 -1.10
CA GLY B 57 9.82 1.37 -1.35
C GLY B 57 9.62 0.56 -2.61
N GLN B 58 8.67 0.95 -3.47
CA GLN B 58 8.36 0.25 -4.68
C GLN B 58 8.28 1.24 -5.84
N ARG B 59 8.32 0.71 -7.05
CA ARG B 59 8.03 1.45 -8.25
C ARG B 59 6.94 0.72 -9.03
N LEU B 60 6.24 1.47 -9.87
CA LEU B 60 5.21 0.96 -10.75
C LEU B 60 5.64 1.01 -12.20
N LEU B 61 5.12 0.07 -12.99
CA LEU B 61 5.27 0.08 -14.44
C LEU B 61 3.92 0.00 -15.07
N LEU B 62 3.70 0.74 -16.17
CA LEU B 62 2.48 0.58 -16.95
C LEU B 62 2.90 0.03 -18.29
N VAL B 63 2.16 -0.93 -18.81
CA VAL B 63 2.44 -1.44 -20.16
C VAL B 63 1.21 -1.20 -21.03
N THR B 64 1.42 -0.60 -22.18
CA THR B 64 0.36 -0.29 -23.13
C THR B 64 0.02 -1.49 -24.01
N THR B 65 -1.13 -1.40 -24.68
CA THR B 65 -1.51 -2.48 -25.55
C THR B 65 -0.58 -2.57 -26.75
N GLU B 66 0.12 -1.48 -27.08
CA GLU B 66 1.07 -1.50 -28.21
C GLU B 66 2.46 -1.96 -27.79
N GLY B 67 2.68 -2.28 -26.53
CA GLY B 67 3.95 -2.77 -26.07
C GLY B 67 4.93 -1.72 -25.56
N ARG B 68 4.46 -0.52 -25.20
CA ARG B 68 5.33 0.46 -24.59
C ARG B 68 5.25 0.31 -23.08
N VAL B 69 6.31 0.71 -22.40
CA VAL B 69 6.40 0.57 -20.94
CA VAL B 69 6.42 0.58 -20.94
C VAL B 69 6.74 1.92 -20.34
N ILE B 70 5.96 2.33 -19.37
CA ILE B 70 6.18 3.59 -18.68
C ILE B 70 6.77 3.23 -17.30
N GLY B 71 7.84 3.92 -16.92
CA GLY B 71 8.42 3.80 -15.60
C GLY B 71 9.66 2.94 -15.50
N ALA B 72 10.13 2.40 -16.62
CA ALA B 72 11.25 1.47 -16.58
C ALA B 72 12.53 2.20 -16.88
N GLU B 73 13.64 1.70 -16.33
CA GLU B 73 14.96 2.09 -16.84
C GLU B 73 15.38 1.19 -17.98
N ARG B 74 16.30 1.71 -18.80
CA ARG B 74 16.76 0.94 -19.95
C ARG B 74 17.27 -0.44 -19.55
N SER B 75 18.06 -0.50 -18.46
CA SER B 75 18.63 -1.76 -17.99
C SER B 75 17.61 -2.80 -17.58
N GLU B 76 16.38 -2.38 -17.26
CA GLU B 76 15.32 -3.28 -16.79
C GLU B 76 14.50 -3.85 -17.93
N MET B 77 14.65 -3.33 -19.16
CA MET B 77 13.75 -3.75 -20.22
C MET B 77 13.83 -5.26 -20.42
N GLN B 78 15.03 -5.86 -20.29
CA GLN B 78 15.16 -7.28 -20.53
C GLN B 78 14.32 -8.11 -19.54
N ILE B 79 14.44 -7.83 -18.24
CA ILE B 79 13.68 -8.66 -17.30
C ILE B 79 12.19 -8.37 -17.40
N ILE B 80 11.81 -7.12 -17.74
CA ILE B 80 10.39 -6.88 -17.88
C ILE B 80 9.82 -7.70 -19.02
N ARG B 81 10.55 -7.78 -20.17
CA ARG B 81 10.03 -8.57 -21.27
C ARG B 81 9.89 -10.02 -20.84
N ASN B 82 10.93 -10.53 -20.19
CA ASN B 82 10.90 -11.91 -19.75
C ASN B 82 9.68 -12.14 -18.86
N PHE B 83 9.43 -11.21 -17.93
CA PHE B 83 8.33 -11.38 -16.97
C PHE B 83 6.99 -11.39 -17.68
N ILE B 84 6.71 -10.33 -18.47
CA ILE B 84 5.44 -10.25 -19.19
C ILE B 84 5.27 -11.43 -20.13
N GLY B 85 6.38 -11.94 -20.70
CA GLY B 85 6.27 -13.10 -21.55
C GLY B 85 5.73 -14.30 -20.80
N GLN B 86 5.92 -14.33 -19.49
CA GLN B 86 5.41 -15.42 -18.65
C GLN B 86 4.10 -15.07 -17.99
N ALA B 87 3.87 -13.78 -17.70
CA ALA B 87 2.68 -13.35 -17.00
C ALA B 87 1.44 -13.87 -17.72
N ASP B 88 0.39 -14.05 -16.96
CA ASP B 88 -0.91 -14.41 -17.48
C ASP B 88 -1.75 -13.13 -17.54
N ASN B 89 -3.06 -13.27 -17.61
CA ASN B 89 -3.92 -12.11 -17.52
C ASN B 89 -3.88 -11.56 -16.10
N ALA B 90 -4.46 -10.37 -15.92
CA ALA B 90 -4.60 -9.81 -14.58
C ALA B 90 -5.56 -10.62 -13.72
N ASP B 91 -6.26 -11.60 -14.27
CA ASP B 91 -7.03 -12.51 -13.43
C ASP B 91 -6.13 -13.41 -12.59
N HIS B 92 -4.83 -13.43 -12.85
CA HIS B 92 -3.91 -14.27 -12.09
C HIS B 92 -2.54 -13.61 -12.03
N PRO B 93 -2.42 -12.51 -11.28
CA PRO B 93 -1.12 -11.87 -11.11
C PRO B 93 -0.15 -12.75 -10.35
N GLN B 94 1.15 -12.53 -10.59
CA GLN B 94 2.18 -13.43 -10.03
C GLN B 94 3.41 -12.59 -9.71
N LYS B 95 4.44 -13.25 -9.16
CA LYS B 95 5.68 -12.55 -8.84
C LYS B 95 6.87 -13.44 -9.15
N LYS B 96 7.99 -12.79 -9.49
CA LYS B 96 9.23 -13.49 -9.81
C LYS B 96 10.42 -12.64 -9.38
N LYS B 97 11.39 -13.31 -8.76
CA LYS B 97 12.61 -12.62 -8.34
C LYS B 97 13.62 -12.63 -9.48
N TYR B 98 14.21 -11.49 -9.73
CA TYR B 98 15.30 -11.33 -10.69
C TYR B 98 16.46 -10.75 -9.86
N GLY B 99 17.16 -11.63 -9.17
CA GLY B 99 18.26 -11.20 -8.33
C GLY B 99 17.81 -10.31 -7.19
N ARG B 100 18.22 -9.05 -7.23
CA ARG B 100 17.92 -8.15 -6.12
C ARG B 100 16.55 -7.46 -6.27
N VAL B 101 15.83 -7.70 -7.37
CA VAL B 101 14.51 -7.09 -7.57
C VAL B 101 13.48 -8.20 -7.75
N GLU B 102 12.22 -7.79 -7.70
CA GLU B 102 11.08 -8.67 -7.85
C GLU B 102 10.01 -7.93 -8.63
N LEU B 103 9.48 -8.57 -9.66
CA LEU B 103 8.34 -8.00 -10.39
C LEU B 103 7.05 -8.68 -9.91
N VAL B 104 5.95 -7.93 -9.95
CA VAL B 104 4.61 -8.33 -9.47
C VAL B 104 3.53 -7.82 -10.41
N GLY B 105 2.66 -8.72 -10.86
CA GLY B 105 1.53 -8.33 -11.67
C GLY B 105 1.13 -9.39 -12.69
N PRO B 106 0.28 -9.02 -13.67
CA PRO B 106 -0.27 -7.66 -13.92
C PRO B 106 -1.51 -7.36 -13.17
N PHE B 107 -1.69 -6.09 -12.88
CA PHE B 107 -2.96 -5.50 -12.50
C PHE B 107 -3.44 -4.65 -13.67
N SER B 108 -4.60 -3.99 -13.51
CA SER B 108 -5.31 -3.45 -14.66
C SER B 108 -5.72 -1.99 -14.43
N VAL B 109 -5.50 -1.16 -15.43
CA VAL B 109 -5.82 0.26 -15.37
C VAL B 109 -6.56 0.63 -16.64
N ARG B 110 -7.80 1.12 -16.47
CA ARG B 110 -8.58 1.68 -17.56
C ARG B 110 -8.32 3.17 -17.62
N ASP B 111 -8.17 3.70 -18.85
CA ASP B 111 -7.93 5.15 -19.04
C ASP B 111 -8.72 5.59 -20.27
N GLY B 112 -9.96 5.95 -20.06
CA GLY B 112 -10.82 6.26 -21.19
C GLY B 112 -10.98 4.98 -21.98
N GLU B 113 -10.60 5.03 -23.25
CA GLU B 113 -10.69 3.88 -24.13
C GLU B 113 -9.42 3.04 -24.12
N ASP B 114 -8.33 3.58 -23.60
CA ASP B 114 -7.09 2.84 -23.45
C ASP B 114 -7.13 1.98 -22.20
N ASN B 115 -6.43 0.86 -22.28
CA ASN B 115 -6.28 -0.07 -21.16
C ASN B 115 -4.80 -0.39 -21.04
N TYR B 116 -4.33 -0.44 -19.80
CA TYR B 116 -2.96 -0.71 -19.49
C TYR B 116 -2.86 -1.88 -18.53
N GLN B 117 -1.71 -2.53 -18.55
CA GLN B 117 -1.34 -3.42 -17.46
C GLN B 117 -0.39 -2.70 -16.51
N LEU B 118 -0.61 -2.89 -15.23
CA LEU B 118 0.19 -2.31 -14.16
C LEU B 118 1.00 -3.40 -13.46
N TYR B 119 2.27 -3.12 -13.18
CA TYR B 119 3.15 -4.02 -12.46
C TYR B 119 3.88 -3.25 -11.37
N LEU B 120 4.23 -3.95 -10.32
CA LEU B 120 5.06 -3.39 -9.26
C LEU B 120 6.46 -3.94 -9.39
N ILE B 121 7.46 -3.09 -9.17
CA ILE B 121 8.85 -3.56 -9.15
C ILE B 121 9.42 -3.12 -7.81
N ARG B 122 10.03 -4.05 -7.08
CA ARG B 122 10.33 -3.79 -5.68
C ARG B 122 11.59 -4.54 -5.31
N PRO B 123 12.29 -4.11 -4.26
CA PRO B 123 13.42 -4.89 -3.76
C PRO B 123 12.98 -6.28 -3.31
N ALA B 124 13.82 -7.26 -3.61
CA ALA B 124 13.56 -8.62 -3.21
C ALA B 124 13.86 -8.77 -1.72
N SER B 125 13.03 -9.55 -1.01
CA SER B 125 13.32 -9.79 0.40
C SER B 125 12.78 -11.13 0.88
#